data_4MEH
#
_entry.id   4MEH
#
_cell.length_a   177.910
_cell.length_b   41.170
_cell.length_c   75.850
_cell.angle_alpha   90.00
_cell.angle_beta   90.00
_cell.angle_gamma   90.00
#
_symmetry.space_group_name_H-M   'P 21 21 2'
#
loop_
_entity.id
_entity.type
_entity.pdbx_description
1 polymer 'glmS triple mutant ribozyme'
2 polymer '(122-MER) ribozyme'
3 non-polymer 'CALCIUM ION'
4 water water
#
loop_
_entity_poly.entity_id
_entity_poly.type
_entity_poly.pdbx_seq_one_letter_code
_entity_poly.pdbx_strand_id
1 'polyribonucleotide' (DA)GCGCCUGGACUUAAAGCCAUUGCACU A
2 'polyribonucleotide'
;GGCGGCUUUAAGUUGACGAGGGCAGGGUUAAACGAGACAUCGGCGAGUGCCCUGCGGUCUUCCUGCGACCGUUAGAGGAC
UGGUAAAACCACAGGCGACUGUGGCAUAGAGCAGUCCGGGCAGGAA
;
B
#